data_5L6O
#
_entry.id   5L6O
#
_cell.length_a   46.817
_cell.length_b   57.214
_cell.length_c   113.184
_cell.angle_alpha   90.00
_cell.angle_beta   90.00
_cell.angle_gamma   90.00
#
_symmetry.space_group_name_H-M   'P 21 21 21'
#
loop_
_entity.id
_entity.type
_entity.pdbx_description
1 polymer 'Ephrin type-B receptor 3'
2 non-polymer 1-(4-phenylazanylquinazolin-7-yl)ethanone
3 non-polymer '1,4-DIETHYLENE DIOXIDE'
4 water water
#
_entity_poly.entity_id   1
_entity_poly.type   'polypeptide(L)'
_entity_poly.pdbx_seq_one_letter_code
;GSSDPNEAVREFAKEIDVSCVKIEEVIGAGEFGEVCRGRLKQPGRREVFVAIKTLKVGYTERQRRDFLSEASIMGQFDHP
NIIRLEGVVTKSRPVMILTEFMENCALDSFLRLNDGQFTVIQLVGMLRGIAAGMKYLSEMNYVHRDLAARNILVNSNLVC
KVSDFGLSRFLEDDPSDPTYTSSLGGKIPIRWTAPEAIAYRKFTSASDVWSYGIVMWEVMSYGERPYWDMSNQDVINAVE
QDYRLPPPMDCPTALHQLMLDCWVRDRNLRPKFSQIVNTLDKLIRNPASLKVIASAQS
;
_entity_poly.pdbx_strand_id   A
#
loop_
_chem_comp.id
_chem_comp.type
_chem_comp.name
_chem_comp.formula
6P6 non-polymer 1-(4-phenylazanylquinazolin-7-yl)ethanone 'C16 H13 N3 O'
DIO non-polymer '1,4-DIETHYLENE DIOXIDE' 'C4 H8 O2'
#
# COMPACT_ATOMS: atom_id res chain seq x y z
N CYS A 20 -2.79 -6.85 -29.70
CA CYS A 20 -3.64 -6.24 -28.67
C CYS A 20 -2.87 -5.33 -27.71
N VAL A 21 -1.66 -5.76 -27.31
CA VAL A 21 -0.81 -4.99 -26.37
C VAL A 21 0.25 -4.20 -27.14
N LYS A 22 0.29 -2.87 -26.91
CA LYS A 22 1.24 -1.94 -27.52
C LYS A 22 1.98 -1.17 -26.42
N ILE A 23 3.32 -1.30 -26.40
CA ILE A 23 4.21 -0.64 -25.42
C ILE A 23 4.47 0.81 -25.83
N GLU A 24 4.76 1.70 -24.85
CA GLU A 24 5.02 3.12 -25.11
C GLU A 24 6.35 3.61 -24.52
N GLU A 25 6.55 3.45 -23.19
CA GLU A 25 7.76 3.91 -22.49
C GLU A 25 8.05 3.09 -21.24
N VAL A 26 9.35 2.96 -20.88
CA VAL A 26 9.81 2.25 -19.68
C VAL A 26 9.81 3.18 -18.45
N ILE A 27 9.26 2.71 -17.31
CA ILE A 27 9.17 3.47 -16.07
C ILE A 27 10.30 3.09 -15.09
N GLY A 28 10.45 1.80 -14.81
CA GLY A 28 11.46 1.28 -13.90
C GLY A 28 11.84 -0.17 -14.13
N ALA A 29 12.80 -0.68 -13.34
CA ALA A 29 13.29 -2.05 -13.41
C ALA A 29 13.11 -2.80 -12.08
N GLY A 33 10.81 -8.13 -13.01
CA GLY A 33 11.46 -7.65 -14.22
C GLY A 33 11.38 -6.14 -14.38
N GLU A 34 10.54 -5.67 -15.31
CA GLU A 34 10.36 -4.24 -15.59
C GLU A 34 8.89 -3.77 -15.53
N VAL A 35 8.69 -2.48 -15.25
CA VAL A 35 7.38 -1.81 -15.22
C VAL A 35 7.39 -0.76 -16.35
N CYS A 36 6.44 -0.88 -17.30
CA CYS A 36 6.33 0.01 -18.47
C CYS A 36 4.92 0.60 -18.63
N ARG A 37 4.80 1.66 -19.43
CA ARG A 37 3.53 2.34 -19.77
C ARG A 37 3.19 1.99 -21.21
N GLY A 38 1.90 1.80 -21.50
CA GLY A 38 1.44 1.48 -22.85
C GLY A 38 -0.07 1.59 -23.06
N ARG A 39 -0.56 1.03 -24.18
CA ARG A 39 -1.97 1.03 -24.57
C ARG A 39 -2.51 -0.39 -24.74
N LEU A 40 -3.83 -0.58 -24.56
CA LEU A 40 -4.51 -1.87 -24.71
C LEU A 40 -5.88 -1.72 -25.40
N LYS A 41 -6.15 -2.57 -26.40
CA LYS A 41 -7.41 -2.58 -27.16
C LYS A 41 -7.96 -4.01 -27.29
N GLN A 42 -9.18 -4.23 -26.77
CA GLN A 42 -9.89 -5.51 -26.80
C GLN A 42 -11.13 -5.43 -27.71
N PRO A 43 -11.48 -6.49 -28.49
CA PRO A 43 -12.65 -6.41 -29.38
C PRO A 43 -13.99 -6.35 -28.63
N GLY A 44 -14.48 -5.13 -28.42
CA GLY A 44 -15.72 -4.84 -27.70
C GLY A 44 -15.63 -3.62 -26.80
N ARG A 45 -14.41 -3.29 -26.34
CA ARG A 45 -14.14 -2.16 -25.46
C ARG A 45 -13.18 -1.15 -26.11
N ARG A 46 -13.21 0.12 -25.64
CA ARG A 46 -12.37 1.20 -26.13
C ARG A 46 -10.95 1.14 -25.55
N GLU A 47 -9.98 1.80 -26.22
CA GLU A 47 -8.56 1.84 -25.82
C GLU A 47 -8.33 2.64 -24.54
N VAL A 48 -7.60 2.03 -23.60
CA VAL A 48 -7.24 2.64 -22.31
C VAL A 48 -5.75 2.47 -22.03
N PHE A 49 -5.13 3.49 -21.36
CA PHE A 49 -3.72 3.46 -20.99
C PHE A 49 -3.49 2.41 -19.91
N VAL A 50 -2.40 1.63 -20.04
CA VAL A 50 -2.07 0.52 -19.15
C VAL A 50 -0.62 0.52 -18.64
N ALA A 51 -0.39 -0.13 -17.47
CA ALA A 51 0.92 -0.36 -16.88
C ALA A 51 1.20 -1.83 -17.13
N ILE A 52 2.40 -2.14 -17.65
CA ILE A 52 2.80 -3.49 -18.02
C ILE A 52 3.97 -3.97 -17.15
N LYS A 53 3.72 -5.02 -16.35
CA LYS A 53 4.73 -5.66 -15.52
C LYS A 53 5.25 -6.85 -16.31
N THR A 54 6.53 -6.80 -16.68
CA THR A 54 7.20 -7.84 -17.46
C THR A 54 8.16 -8.63 -16.57
N LEU A 55 8.52 -9.84 -17.02
CA LEU A 55 9.48 -10.68 -16.31
C LEU A 55 10.79 -10.65 -17.12
N LYS A 56 11.95 -10.53 -16.40
CA LYS A 56 13.29 -10.47 -16.99
C LYS A 56 13.58 -11.67 -17.92
N VAL A 57 14.36 -11.42 -18.99
CA VAL A 57 14.74 -12.42 -20.00
C VAL A 57 15.36 -13.67 -19.38
N GLY A 58 14.99 -14.83 -19.92
CA GLY A 58 15.44 -16.12 -19.42
C GLY A 58 14.78 -16.50 -18.12
N TYR A 59 13.44 -16.44 -18.11
CA TYR A 59 12.58 -16.75 -16.95
C TYR A 59 12.61 -18.23 -16.57
N THR A 60 12.72 -18.52 -15.27
CA THR A 60 12.73 -19.88 -14.73
C THR A 60 11.30 -20.37 -14.48
N GLU A 61 11.10 -21.70 -14.47
CA GLU A 61 9.80 -22.36 -14.25
C GLU A 61 9.14 -21.95 -12.92
N ARG A 62 9.96 -21.80 -11.84
CA ARG A 62 9.50 -21.38 -10.52
C ARG A 62 9.15 -19.89 -10.52
N GLN A 63 9.98 -19.06 -11.17
CA GLN A 63 9.80 -17.60 -11.30
C GLN A 63 8.53 -17.28 -12.11
N ARG A 64 8.27 -18.08 -13.18
CA ARG A 64 7.08 -17.94 -14.02
C ARG A 64 5.82 -18.33 -13.24
N ARG A 65 5.92 -19.38 -12.38
CA ARG A 65 4.82 -19.87 -11.55
C ARG A 65 4.48 -18.86 -10.45
N ASP A 66 5.51 -18.19 -9.88
CA ASP A 66 5.37 -17.18 -8.82
C ASP A 66 4.71 -15.90 -9.36
N PHE A 67 5.08 -15.48 -10.58
CA PHE A 67 4.58 -14.30 -11.29
C PHE A 67 3.11 -14.48 -11.66
N LEU A 68 2.75 -15.66 -12.19
CA LEU A 68 1.37 -15.97 -12.59
C LEU A 68 0.44 -16.19 -11.40
N SER A 69 0.97 -16.70 -10.27
CA SER A 69 0.18 -16.89 -9.04
C SER A 69 -0.16 -15.52 -8.42
N GLU A 70 0.69 -14.49 -8.70
CA GLU A 70 0.48 -13.12 -8.27
C GLU A 70 -0.59 -12.47 -9.16
N ALA A 71 -0.58 -12.79 -10.49
CA ALA A 71 -1.55 -12.31 -11.46
C ALA A 71 -2.95 -12.89 -11.15
N SER A 72 -3.00 -14.17 -10.69
CA SER A 72 -4.23 -14.87 -10.31
C SER A 72 -4.87 -14.23 -9.07
N ILE A 73 -4.05 -13.75 -8.11
CA ILE A 73 -4.54 -13.10 -6.90
C ILE A 73 -5.25 -11.77 -7.25
N MET A 74 -4.58 -10.90 -8.03
CA MET A 74 -5.10 -9.60 -8.46
C MET A 74 -6.42 -9.69 -9.24
N GLY A 75 -6.58 -10.77 -10.02
CA GLY A 75 -7.76 -11.02 -10.84
C GLY A 75 -9.03 -11.35 -10.08
N GLN A 76 -8.88 -11.84 -8.84
CA GLN A 76 -9.98 -12.20 -7.94
C GLN A 76 -10.74 -10.99 -7.43
N PHE A 77 -10.07 -9.82 -7.38
CA PHE A 77 -10.64 -8.59 -6.82
C PHE A 77 -11.24 -7.63 -7.84
N ASP A 78 -12.27 -6.88 -7.42
CA ASP A 78 -12.99 -5.86 -8.18
C ASP A 78 -13.58 -4.88 -7.17
N HIS A 79 -12.92 -3.72 -7.01
CA HIS A 79 -13.31 -2.67 -6.05
C HIS A 79 -12.73 -1.33 -6.52
N PRO A 80 -13.38 -0.16 -6.29
CA PRO A 80 -12.78 1.10 -6.75
C PRO A 80 -11.47 1.50 -6.05
N ASN A 81 -11.09 0.83 -4.94
CA ASN A 81 -9.86 1.12 -4.21
C ASN A 81 -8.83 0.00 -4.25
N ILE A 82 -8.96 -0.91 -5.24
CA ILE A 82 -8.04 -2.01 -5.48
C ILE A 82 -7.59 -1.84 -6.93
N ILE A 83 -6.29 -1.99 -7.20
CA ILE A 83 -5.78 -1.86 -8.57
C ILE A 83 -6.53 -2.83 -9.52
N ARG A 84 -6.96 -2.33 -10.68
CA ARG A 84 -7.69 -3.15 -11.64
C ARG A 84 -6.73 -3.89 -12.59
N LEU A 85 -6.87 -5.21 -12.68
CA LEU A 85 -6.10 -6.05 -13.60
C LEU A 85 -6.86 -6.04 -14.93
N GLU A 86 -6.23 -5.48 -15.98
CA GLU A 86 -6.82 -5.38 -17.32
C GLU A 86 -6.67 -6.69 -18.10
N GLY A 87 -5.54 -7.38 -17.90
CA GLY A 87 -5.24 -8.64 -18.58
C GLY A 87 -3.87 -9.21 -18.27
N VAL A 88 -3.64 -10.45 -18.76
CA VAL A 88 -2.39 -11.22 -18.56
C VAL A 88 -2.00 -11.89 -19.89
N VAL A 89 -0.70 -11.82 -20.25
CA VAL A 89 -0.15 -12.45 -21.46
C VAL A 89 0.53 -13.76 -21.02
N THR A 90 0.09 -14.90 -21.57
CA THR A 90 0.59 -16.24 -21.24
C THR A 90 1.06 -17.02 -22.46
N LYS A 91 0.35 -16.87 -23.60
CA LYS A 91 0.61 -17.56 -24.86
C LYS A 91 1.96 -17.25 -25.50
N SER A 92 2.51 -16.03 -25.28
CA SER A 92 3.79 -15.62 -25.85
C SER A 92 4.76 -15.01 -24.84
N ARG A 93 6.05 -15.33 -24.99
CA ARG A 93 7.14 -14.82 -24.16
C ARG A 93 7.61 -13.44 -24.65
N PRO A 94 7.85 -12.44 -23.77
CA PRO A 94 7.74 -12.49 -22.30
C PRO A 94 6.31 -12.44 -21.77
N VAL A 95 6.09 -12.99 -20.55
CA VAL A 95 4.79 -12.98 -19.89
C VAL A 95 4.53 -11.57 -19.35
N MET A 96 3.26 -11.13 -19.37
CA MET A 96 2.91 -9.77 -18.94
C MET A 96 1.73 -9.71 -17.98
N ILE A 97 1.72 -8.68 -17.13
CA ILE A 97 0.64 -8.34 -16.19
C ILE A 97 0.23 -6.92 -16.57
N LEU A 98 -1.02 -6.76 -17.05
CA LEU A 98 -1.53 -5.46 -17.49
C LEU A 98 -2.55 -4.91 -16.52
N THR A 99 -2.30 -3.69 -16.04
CA THR A 99 -3.15 -2.99 -15.08
C THR A 99 -3.49 -1.60 -15.62
N GLU A 100 -4.57 -0.98 -15.11
CA GLU A 100 -4.99 0.38 -15.48
C GLU A 100 -3.92 1.37 -15.00
N PHE A 101 -3.43 2.26 -15.89
CA PHE A 101 -2.38 3.23 -15.55
C PHE A 101 -2.85 4.28 -14.57
N MET A 102 -2.11 4.38 -13.47
CA MET A 102 -2.40 5.29 -12.41
C MET A 102 -1.44 6.42 -12.54
N GLU A 103 -1.98 7.50 -13.04
CA GLU A 103 -1.26 8.71 -13.33
C GLU A 103 -0.31 9.27 -12.31
N ASN A 104 -0.70 9.30 -11.04
CA ASN A 104 0.16 9.90 -10.02
C ASN A 104 1.15 8.97 -9.35
N CYS A 105 1.18 7.77 -9.86
CA CYS A 105 2.11 6.71 -9.43
C CYS A 105 1.95 6.33 -7.93
N ALA A 106 3.05 5.88 -7.26
CA ALA A 106 3.04 5.48 -5.84
C ALA A 106 2.75 6.65 -4.90
N LEU A 107 1.92 6.40 -3.87
CA LEU A 107 1.49 7.37 -2.88
C LEU A 107 2.61 8.09 -2.14
N ASP A 108 3.64 7.35 -1.69
CA ASP A 108 4.75 7.93 -0.92
C ASP A 108 5.55 8.96 -1.73
N SER A 109 5.92 8.62 -2.99
CA SER A 109 6.65 9.54 -3.88
C SER A 109 5.78 10.73 -4.26
N PHE A 110 4.47 10.51 -4.49
CA PHE A 110 3.50 11.54 -4.83
C PHE A 110 3.38 12.58 -3.72
N LEU A 111 3.40 12.15 -2.45
CA LEU A 111 3.26 13.07 -1.32
C LEU A 111 4.52 13.90 -1.04
N ARG A 112 5.72 13.30 -1.18
CA ARG A 112 7.00 13.96 -0.93
C ARG A 112 7.24 15.16 -1.84
N LEU A 113 6.80 15.07 -3.11
CA LEU A 113 6.97 16.16 -4.05
C LEU A 113 5.81 17.16 -3.97
N ASN A 114 4.70 16.77 -3.29
CA ASN A 114 3.54 17.63 -3.06
C ASN A 114 3.45 18.04 -1.58
N ASP A 115 4.61 18.12 -0.88
CA ASP A 115 4.76 18.48 0.53
C ASP A 115 3.99 19.75 0.93
N GLY A 116 2.90 19.54 1.69
CA GLY A 116 2.01 20.59 2.18
C GLY A 116 1.05 21.17 1.16
N GLN A 117 0.86 20.47 0.01
CA GLN A 117 -0.01 20.97 -1.07
C GLN A 117 -1.46 20.46 -1.00
N PHE A 118 -1.82 19.70 0.04
CA PHE A 118 -3.19 19.20 0.20
C PHE A 118 -3.81 19.63 1.52
N THR A 119 -5.14 19.73 1.55
CA THR A 119 -5.88 20.06 2.77
C THR A 119 -6.01 18.75 3.60
N VAL A 120 -6.36 18.88 4.87
CA VAL A 120 -6.53 17.73 5.73
C VAL A 120 -7.66 16.87 5.19
N ILE A 121 -8.70 17.52 4.68
CA ILE A 121 -9.85 16.79 4.15
C ILE A 121 -9.44 15.92 2.97
N GLN A 122 -8.57 16.42 2.10
CA GLN A 122 -8.13 15.62 0.96
C GLN A 122 -7.31 14.42 1.45
N LEU A 123 -6.43 14.66 2.42
CA LEU A 123 -5.61 13.56 2.98
C LEU A 123 -6.50 12.50 3.64
N VAL A 124 -7.60 12.93 4.30
CA VAL A 124 -8.56 12.02 4.93
C VAL A 124 -9.30 11.18 3.87
N GLY A 125 -9.71 11.82 2.77
CA GLY A 125 -10.34 11.15 1.63
C GLY A 125 -9.44 10.05 1.06
N MET A 126 -8.14 10.34 0.92
CA MET A 126 -7.12 9.36 0.47
C MET A 126 -7.09 8.17 1.44
N LEU A 127 -7.00 8.46 2.76
CA LEU A 127 -6.99 7.41 3.78
C LEU A 127 -8.30 6.60 3.82
N ARG A 128 -9.44 7.25 3.52
CA ARG A 128 -10.75 6.58 3.49
C ARG A 128 -10.79 5.58 2.34
N GLY A 129 -10.31 5.98 1.17
CA GLY A 129 -10.18 5.12 0.00
C GLY A 129 -9.33 3.88 0.30
N ILE A 130 -8.13 4.06 0.89
CA ILE A 130 -7.23 2.95 1.28
C ILE A 130 -7.95 1.99 2.26
N ALA A 131 -8.60 2.56 3.29
CA ALA A 131 -9.34 1.79 4.30
C ALA A 131 -10.54 1.03 3.66
N ALA A 132 -11.24 1.64 2.66
CA ALA A 132 -12.33 0.98 1.94
C ALA A 132 -11.81 -0.23 1.13
N GLY A 133 -10.65 -0.06 0.50
CA GLY A 133 -9.99 -1.14 -0.24
C GLY A 133 -9.59 -2.27 0.69
N MET A 134 -9.02 -1.93 1.85
CA MET A 134 -8.59 -2.90 2.86
C MET A 134 -9.80 -3.60 3.51
N LYS A 135 -10.90 -2.87 3.71
CA LYS A 135 -12.16 -3.44 4.21
C LYS A 135 -12.62 -4.55 3.23
N TYR A 136 -12.58 -4.26 1.91
CA TYR A 136 -12.94 -5.23 0.85
C TYR A 136 -12.04 -6.47 0.89
N LEU A 137 -10.70 -6.29 0.97
CA LEU A 137 -9.74 -7.40 1.07
C LEU A 137 -10.01 -8.29 2.29
N SER A 138 -10.20 -7.67 3.48
CA SER A 138 -10.48 -8.42 4.70
C SER A 138 -11.79 -9.22 4.61
N GLU A 139 -12.80 -8.67 3.90
CA GLU A 139 -14.09 -9.31 3.61
C GLU A 139 -13.89 -10.55 2.72
N MET A 140 -12.92 -10.49 1.77
CA MET A 140 -12.57 -11.59 0.85
C MET A 140 -11.63 -12.60 1.54
N ASN A 141 -11.31 -12.37 2.85
CA ASN A 141 -10.40 -13.20 3.68
C ASN A 141 -8.95 -13.15 3.17
N TYR A 142 -8.56 -12.03 2.55
CA TYR A 142 -7.22 -11.85 2.03
C TYR A 142 -6.42 -10.94 2.96
N VAL A 143 -5.23 -11.42 3.36
CA VAL A 143 -4.30 -10.70 4.22
C VAL A 143 -3.21 -10.16 3.27
N HIS A 144 -3.08 -8.84 3.17
CA HIS A 144 -2.11 -8.23 2.26
C HIS A 144 -0.64 -8.49 2.62
N ARG A 145 -0.29 -8.23 3.86
CA ARG A 145 1.06 -8.46 4.40
C ARG A 145 2.11 -7.40 4.06
N ASP A 146 1.81 -6.53 3.12
CA ASP A 146 2.77 -5.50 2.71
C ASP A 146 2.11 -4.15 2.48
N LEU A 147 1.17 -3.81 3.33
CA LEU A 147 0.47 -2.52 3.20
C LEU A 147 1.43 -1.39 3.61
N ALA A 148 1.72 -0.52 2.66
CA ALA A 148 2.65 0.60 2.80
C ALA A 148 2.34 1.59 1.71
N ALA A 149 2.67 2.87 1.92
CA ALA A 149 2.40 3.90 0.91
C ALA A 149 3.09 3.63 -0.44
N ARG A 150 4.23 2.89 -0.47
CA ARG A 150 4.90 2.51 -1.72
C ARG A 150 4.07 1.51 -2.55
N ASN A 151 3.09 0.83 -1.92
CA ASN A 151 2.20 -0.15 -2.56
C ASN A 151 0.79 0.40 -2.80
N ILE A 152 0.63 1.72 -2.69
CA ILE A 152 -0.65 2.39 -2.93
C ILE A 152 -0.42 3.22 -4.17
N LEU A 153 -1.28 3.06 -5.19
CA LEU A 153 -1.18 3.83 -6.43
C LEU A 153 -2.23 4.94 -6.47
N VAL A 154 -1.89 6.08 -7.10
CA VAL A 154 -2.75 7.27 -7.16
C VAL A 154 -3.08 7.65 -8.62
N ASN A 155 -4.35 7.96 -8.92
CA ASN A 155 -4.73 8.39 -10.27
C ASN A 155 -4.84 9.93 -10.32
N SER A 156 -5.20 10.49 -11.50
CA SER A 156 -5.36 11.94 -11.71
C SER A 156 -6.42 12.61 -10.81
N ASN A 157 -7.45 11.85 -10.39
CA ASN A 157 -8.54 12.33 -9.52
C ASN A 157 -8.25 12.12 -8.02
N LEU A 158 -6.98 11.80 -7.67
CA LEU A 158 -6.46 11.54 -6.31
C LEU A 158 -7.06 10.28 -5.64
N VAL A 159 -7.69 9.38 -6.43
CA VAL A 159 -8.25 8.14 -5.88
C VAL A 159 -7.07 7.17 -5.61
N CYS A 160 -6.97 6.69 -4.36
CA CYS A 160 -5.91 5.76 -3.95
C CYS A 160 -6.35 4.33 -4.10
N LYS A 161 -5.47 3.51 -4.66
CA LYS A 161 -5.77 2.11 -4.91
C LYS A 161 -4.70 1.21 -4.35
N VAL A 162 -5.14 0.23 -3.56
CA VAL A 162 -4.24 -0.77 -2.97
C VAL A 162 -3.71 -1.67 -4.07
N SER A 163 -2.40 -1.86 -4.05
CA SER A 163 -1.66 -2.67 -4.99
C SER A 163 -0.66 -3.53 -4.24
N ASP A 164 0.09 -4.34 -4.99
CA ASP A 164 1.20 -5.19 -4.55
C ASP A 164 1.89 -5.72 -5.81
N PHE A 165 3.09 -6.31 -5.64
CA PHE A 165 3.92 -6.94 -6.69
C PHE A 165 4.37 -5.95 -7.79
N GLY A 166 4.63 -4.70 -7.41
CA GLY A 166 5.08 -3.66 -8.34
C GLY A 166 6.47 -3.16 -8.04
N LEU A 167 6.87 -2.06 -8.71
CA LEU A 167 8.18 -1.40 -8.57
C LEU A 167 8.39 -0.87 -7.14
N GLU A 172 15.27 3.04 -2.11
CA GLU A 172 15.87 2.50 -0.89
C GLU A 172 16.68 3.60 -0.18
N ASP A 173 16.13 4.17 0.92
CA ASP A 173 16.74 5.24 1.71
C ASP A 173 18.13 4.87 2.26
N ASP A 174 18.26 3.66 2.88
CA ASP A 174 19.52 3.20 3.43
C ASP A 174 19.60 1.68 3.31
N PRO A 175 20.50 1.13 2.45
CA PRO A 175 20.63 -0.35 2.37
C PRO A 175 21.11 -0.97 3.69
N SER A 176 21.66 -0.16 4.59
CA SER A 176 22.07 -0.59 5.92
C SER A 176 20.86 -0.92 6.82
N ASP A 177 19.75 -0.25 6.57
CA ASP A 177 18.48 -0.44 7.30
C ASP A 177 17.47 -0.60 6.19
N PRO A 178 17.53 -1.81 5.52
CA PRO A 178 16.61 -1.94 4.38
C PRO A 178 15.12 -2.02 4.68
N THR A 179 14.33 -1.63 3.69
CA THR A 179 12.88 -1.63 3.79
C THR A 179 12.42 -3.06 4.01
N TYR A 180 13.02 -4.03 3.33
CA TYR A 180 12.66 -5.43 3.56
C TYR A 180 13.86 -6.17 4.16
N THR A 181 13.61 -7.00 5.16
CA THR A 181 14.67 -7.79 5.78
C THR A 181 14.52 -9.19 5.26
N SER A 182 15.61 -9.78 4.72
CA SER A 182 15.65 -11.15 4.23
C SER A 182 15.44 -12.04 5.46
N SER A 183 14.21 -12.52 5.61
CA SER A 183 13.89 -13.34 6.75
C SER A 183 13.44 -14.70 6.27
N LEU A 184 14.17 -15.72 6.71
CA LEU A 184 13.95 -17.13 6.43
C LEU A 184 12.90 -17.45 5.38
N GLY A 185 11.65 -17.54 5.81
CA GLY A 185 10.58 -17.85 4.89
C GLY A 185 10.36 -16.81 3.80
N GLY A 186 10.40 -15.54 4.18
CA GLY A 186 10.20 -14.47 3.21
C GLY A 186 10.63 -13.10 3.71
N LYS A 187 10.74 -12.13 2.80
CA LYS A 187 11.10 -10.76 3.16
C LYS A 187 10.01 -10.12 4.03
N ILE A 188 10.41 -9.36 5.06
CA ILE A 188 9.47 -8.67 5.94
C ILE A 188 9.85 -7.18 6.05
N PRO A 189 8.86 -6.27 5.82
CA PRO A 189 9.13 -4.82 5.98
C PRO A 189 8.95 -4.46 7.45
N ILE A 190 10.03 -4.45 8.21
CA ILE A 190 9.94 -4.26 9.65
C ILE A 190 9.22 -3.00 10.13
N ARG A 191 9.45 -1.87 9.48
CA ARG A 191 8.80 -0.63 9.89
C ARG A 191 7.27 -0.62 9.77
N TRP A 192 6.75 -1.41 8.85
CA TRP A 192 5.32 -1.50 8.63
C TRP A 192 4.61 -2.74 9.22
N THR A 193 5.37 -3.66 9.82
CA THR A 193 4.81 -4.92 10.28
C THR A 193 4.45 -4.95 11.78
N ALA A 194 3.26 -5.54 12.11
CA ALA A 194 2.82 -5.69 13.49
C ALA A 194 3.82 -6.54 14.29
N PRO A 195 4.05 -6.20 15.58
CA PRO A 195 5.04 -6.95 16.38
C PRO A 195 4.80 -8.45 16.41
N GLU A 196 3.52 -8.91 16.38
CA GLU A 196 3.25 -10.36 16.44
C GLU A 196 3.55 -11.05 15.11
N ALA A 197 3.44 -10.29 13.99
CA ALA A 197 3.75 -10.83 12.67
C ALA A 197 5.28 -10.90 12.52
N ILE A 198 6.04 -9.93 13.10
CA ILE A 198 7.53 -9.99 13.06
C ILE A 198 7.99 -11.19 13.91
N ALA A 199 7.45 -11.31 15.15
CA ALA A 199 7.85 -12.32 16.13
C ALA A 199 7.43 -13.75 15.79
N TYR A 200 6.15 -13.96 15.42
CA TYR A 200 5.63 -15.31 15.19
C TYR A 200 5.05 -15.58 13.81
N ARG A 201 5.17 -14.61 12.85
CA ARG A 201 4.58 -14.70 11.49
C ARG A 201 3.05 -14.82 11.60
N LYS A 202 2.48 -14.18 12.62
CA LYS A 202 1.02 -14.17 12.83
C LYS A 202 0.45 -13.07 11.93
N PHE A 203 0.37 -13.32 10.61
CA PHE A 203 -0.19 -12.35 9.65
C PHE A 203 -1.70 -12.49 9.58
N THR A 204 -2.44 -11.43 9.93
CA THR A 204 -3.92 -11.47 9.92
C THR A 204 -4.41 -10.12 9.42
N SER A 205 -5.74 -9.96 9.30
CA SER A 205 -6.27 -8.64 8.95
C SER A 205 -5.93 -7.62 10.05
N ALA A 206 -5.80 -8.07 11.33
CA ALA A 206 -5.40 -7.18 12.44
C ALA A 206 -3.95 -6.72 12.28
N SER A 207 -3.05 -7.58 11.73
CA SER A 207 -1.66 -7.10 11.52
C SER A 207 -1.65 -6.13 10.31
N ASP A 208 -2.58 -6.31 9.34
CA ASP A 208 -2.71 -5.35 8.24
C ASP A 208 -3.21 -3.98 8.78
N VAL A 209 -4.01 -4.01 9.86
CA VAL A 209 -4.52 -2.77 10.51
C VAL A 209 -3.34 -2.00 11.10
N TRP A 210 -2.41 -2.70 11.73
CA TRP A 210 -1.16 -2.08 12.25
C TRP A 210 -0.47 -1.36 11.07
N SER A 211 -0.26 -2.07 9.92
CA SER A 211 0.37 -1.50 8.73
C SER A 211 -0.40 -0.27 8.26
N TYR A 212 -1.76 -0.35 8.30
CA TYR A 212 -2.60 0.78 7.92
C TYR A 212 -2.29 1.99 8.80
N GLY A 213 -2.11 1.78 10.11
CA GLY A 213 -1.73 2.87 11.01
C GLY A 213 -0.44 3.54 10.56
N ILE A 214 0.57 2.73 10.12
CA ILE A 214 1.80 3.27 9.57
C ILE A 214 1.53 4.07 8.29
N VAL A 215 0.65 3.55 7.39
CA VAL A 215 0.23 4.27 6.18
C VAL A 215 -0.39 5.65 6.55
N MET A 216 -1.24 5.70 7.58
CA MET A 216 -1.84 6.96 8.04
C MET A 216 -0.73 7.95 8.39
N TRP A 217 0.28 7.50 9.15
CA TRP A 217 1.42 8.33 9.55
C TRP A 217 2.23 8.81 8.33
N GLU A 218 2.45 7.93 7.33
CA GLU A 218 3.15 8.27 6.08
C GLU A 218 2.35 9.36 5.34
N VAL A 219 1.03 9.20 5.27
CA VAL A 219 0.16 10.19 4.59
C VAL A 219 0.20 11.57 5.30
N MET A 220 -0.05 11.60 6.63
CA MET A 220 -0.10 12.86 7.39
C MET A 220 1.27 13.55 7.50
N SER A 221 2.38 12.81 7.22
CA SER A 221 3.72 13.38 7.26
C SER A 221 4.27 13.71 5.85
N TYR A 222 3.44 13.50 4.78
CA TYR A 222 3.80 13.67 3.37
C TYR A 222 4.98 12.74 2.94
N GLY A 223 4.91 11.49 3.35
CA GLY A 223 5.90 10.49 2.99
C GLY A 223 7.23 10.49 3.72
N GLU A 224 7.23 10.82 5.03
CA GLU A 224 8.45 10.71 5.83
C GLU A 224 8.75 9.20 6.06
N ARG A 225 9.99 8.89 6.44
CA ARG A 225 10.42 7.53 6.76
C ARG A 225 10.01 7.22 8.21
N PRO A 226 9.15 6.19 8.42
CA PRO A 226 8.77 5.82 9.80
C PRO A 226 10.01 5.51 10.65
N TYR A 227 10.07 6.08 11.84
CA TYR A 227 11.14 5.83 12.79
C TYR A 227 12.49 6.48 12.46
N TRP A 228 12.53 7.29 11.42
CA TRP A 228 13.73 8.05 11.07
C TRP A 228 15.06 7.27 11.09
N ASP A 229 15.99 7.81 11.87
CA ASP A 229 17.33 7.27 12.05
C ASP A 229 17.44 5.96 12.83
N MET A 230 16.37 5.57 13.53
CA MET A 230 16.37 4.35 14.32
C MET A 230 16.73 3.18 13.40
N SER A 231 17.58 2.28 13.87
CA SER A 231 17.96 1.12 13.06
C SER A 231 16.74 0.17 13.02
N ASN A 232 16.72 -0.84 12.12
CA ASN A 232 15.60 -1.78 12.07
C ASN A 232 15.46 -2.53 13.42
N GLN A 233 16.58 -2.91 14.03
CA GLN A 233 16.57 -3.60 15.33
C GLN A 233 16.02 -2.66 16.43
N ASP A 234 16.36 -1.35 16.38
CA ASP A 234 15.88 -0.35 17.33
C ASP A 234 14.38 -0.27 17.23
N VAL A 235 13.83 -0.34 16.01
CA VAL A 235 12.38 -0.29 15.78
C VAL A 235 11.70 -1.42 16.51
N ILE A 236 12.17 -2.66 16.31
CA ILE A 236 11.57 -3.82 16.99
C ILE A 236 11.62 -3.63 18.52
N ASN A 237 12.79 -3.23 19.04
CA ASN A 237 13.00 -3.06 20.49
C ASN A 237 12.13 -1.96 21.07
N ALA A 238 12.05 -0.81 20.36
CA ALA A 238 11.25 0.34 20.83
C ALA A 238 9.77 -0.02 20.90
N VAL A 239 9.22 -0.63 19.81
CA VAL A 239 7.81 -1.05 19.74
C VAL A 239 7.48 -2.01 20.91
N GLU A 240 8.39 -2.96 21.18
CA GLU A 240 8.23 -3.93 22.29
C GLU A 240 8.13 -3.24 23.64
N GLN A 241 8.80 -2.07 23.77
CA GLN A 241 8.83 -1.26 25.00
C GLN A 241 7.78 -0.10 24.97
N ASP A 242 6.74 -0.23 24.11
CA ASP A 242 5.59 0.67 24.02
C ASP A 242 5.87 2.04 23.38
N TYR A 243 7.00 2.17 22.65
CA TYR A 243 7.24 3.38 21.88
C TYR A 243 6.25 3.40 20.72
N ARG A 244 5.67 4.57 20.43
CA ARG A 244 4.77 4.76 19.29
C ARG A 244 5.15 6.06 18.62
N LEU A 245 5.05 6.09 17.27
CA LEU A 245 5.38 7.26 16.46
C LEU A 245 4.62 8.50 16.92
N PRO A 246 5.29 9.68 17.00
CA PRO A 246 4.56 10.88 17.45
C PRO A 246 3.63 11.42 16.36
N PRO A 247 2.62 12.26 16.68
CA PRO A 247 1.78 12.79 15.59
C PRO A 247 2.61 13.68 14.65
N PRO A 248 2.51 13.54 13.31
CA PRO A 248 3.24 14.46 12.41
C PRO A 248 2.77 15.92 12.59
N MET A 249 3.61 16.85 12.14
CA MET A 249 3.35 18.29 12.17
C MET A 249 1.94 18.58 11.64
N ASP A 250 1.13 19.30 12.45
CA ASP A 250 -0.23 19.75 12.16
C ASP A 250 -1.27 18.61 12.02
N CYS A 251 -0.93 17.39 12.50
CA CYS A 251 -1.86 16.26 12.45
C CYS A 251 -2.95 16.43 13.49
N PRO A 252 -4.24 16.37 13.08
CA PRO A 252 -5.33 16.46 14.07
C PRO A 252 -5.25 15.31 15.07
N THR A 253 -5.55 15.62 16.34
CA THR A 253 -5.49 14.69 17.47
C THR A 253 -6.33 13.44 17.20
N ALA A 254 -7.55 13.58 16.64
CA ALA A 254 -8.43 12.46 16.30
C ALA A 254 -7.74 11.45 15.34
N LEU A 255 -6.99 11.96 14.38
CA LEU A 255 -6.27 11.11 13.44
C LEU A 255 -5.16 10.33 14.14
N HIS A 256 -4.43 10.99 15.02
CA HIS A 256 -3.36 10.35 15.76
C HIS A 256 -3.91 9.28 16.69
N GLN A 257 -5.04 9.57 17.30
CA GLN A 257 -5.67 8.63 18.21
C GLN A 257 -6.02 7.38 17.42
N LEU A 258 -6.52 7.56 16.21
CA LEU A 258 -6.84 6.42 15.33
C LEU A 258 -5.56 5.60 15.00
N MET A 259 -4.41 6.28 14.79
CA MET A 259 -3.13 5.60 14.54
C MET A 259 -2.77 4.80 15.77
N LEU A 260 -2.92 5.41 16.96
CA LEU A 260 -2.62 4.73 18.22
C LEU A 260 -3.52 3.49 18.42
N ASP A 261 -4.80 3.58 17.96
CA ASP A 261 -5.73 2.44 18.06
C ASP A 261 -5.25 1.27 17.16
N CYS A 262 -4.76 1.62 15.95
CA CYS A 262 -4.21 0.67 14.97
C CYS A 262 -2.97 0.00 15.52
N TRP A 263 -2.25 0.69 16.41
CA TRP A 263 -0.99 0.18 16.98
C TRP A 263 -1.10 -0.39 18.40
N VAL A 264 -2.30 -0.83 18.79
CA VAL A 264 -2.46 -1.48 20.08
C VAL A 264 -1.62 -2.79 20.03
N ARG A 265 -0.87 -3.09 21.10
CA ARG A 265 -0.13 -4.34 21.20
C ARG A 265 -1.12 -5.51 21.18
N ASP A 266 -2.27 -5.39 21.88
CA ASP A 266 -3.31 -6.44 21.86
C ASP A 266 -3.99 -6.33 20.50
N ARG A 267 -3.73 -7.30 19.61
CA ARG A 267 -4.27 -7.25 18.24
C ARG A 267 -5.80 -7.31 18.20
N ASN A 268 -6.43 -7.87 19.23
CA ASN A 268 -7.88 -8.01 19.35
C ASN A 268 -8.56 -6.68 19.61
N LEU A 269 -7.80 -5.67 20.12
CA LEU A 269 -8.36 -4.34 20.44
C LEU A 269 -8.22 -3.34 19.29
N ARG A 270 -7.42 -3.68 18.28
CA ARG A 270 -7.25 -2.81 17.10
C ARG A 270 -8.61 -2.74 16.38
N PRO A 271 -8.96 -1.58 15.78
CA PRO A 271 -10.24 -1.52 15.06
C PRO A 271 -10.18 -2.39 13.79
N LYS A 272 -11.35 -2.81 13.32
CA LYS A 272 -11.46 -3.54 12.05
C LYS A 272 -11.44 -2.47 10.94
N PHE A 273 -11.21 -2.88 9.69
CA PHE A 273 -11.24 -1.89 8.61
C PHE A 273 -12.61 -1.20 8.47
N SER A 274 -13.71 -1.93 8.73
CA SER A 274 -15.05 -1.33 8.69
C SER A 274 -15.16 -0.18 9.71
N GLN A 275 -14.58 -0.37 10.92
CA GLN A 275 -14.59 0.65 12.00
C GLN A 275 -13.71 1.86 11.62
N ILE A 276 -12.57 1.61 10.95
CA ILE A 276 -11.68 2.69 10.48
C ILE A 276 -12.45 3.53 9.46
N VAL A 277 -13.12 2.88 8.48
CA VAL A 277 -13.93 3.57 7.46
C VAL A 277 -14.98 4.44 8.16
N ASN A 278 -15.66 3.87 9.17
CA ASN A 278 -16.70 4.57 9.93
C ASN A 278 -16.16 5.78 10.66
N THR A 279 -14.98 5.65 11.30
CA THR A 279 -14.32 6.74 12.03
C THR A 279 -13.93 7.87 11.07
N LEU A 280 -13.32 7.52 9.91
CA LEU A 280 -12.94 8.52 8.90
C LEU A 280 -14.15 9.27 8.35
N ASP A 281 -15.26 8.55 8.11
CA ASP A 281 -16.53 9.17 7.66
C ASP A 281 -17.08 10.13 8.71
N LYS A 282 -16.97 9.75 10.00
CA LYS A 282 -17.41 10.58 11.13
C LYS A 282 -16.56 11.87 11.17
N LEU A 283 -15.24 11.77 10.85
CA LEU A 283 -14.39 12.96 10.83
C LEU A 283 -14.74 13.86 9.64
N ILE A 284 -15.06 13.26 8.49
CA ILE A 284 -15.48 13.99 7.28
C ILE A 284 -16.81 14.74 7.57
N ARG A 285 -17.77 14.09 8.30
CA ARG A 285 -19.07 14.71 8.65
C ARG A 285 -18.90 15.82 9.68
N ASN A 286 -17.87 15.73 10.53
CA ASN A 286 -17.59 16.71 11.59
C ASN A 286 -16.19 17.32 11.34
N PRO A 287 -15.99 18.20 10.32
CA PRO A 287 -14.62 18.68 10.03
C PRO A 287 -13.95 19.53 11.11
N ALA A 288 -14.71 20.01 12.13
CA ALA A 288 -14.16 20.79 13.25
C ALA A 288 -13.18 19.93 14.08
N SER A 289 -13.43 18.62 14.14
CA SER A 289 -12.59 17.66 14.85
C SER A 289 -11.22 17.53 14.15
N LEU A 290 -11.11 17.97 12.87
CA LEU A 290 -9.86 17.92 12.10
C LEU A 290 -9.04 19.22 12.23
N LYS A 291 -9.50 20.15 13.10
CA LYS A 291 -8.82 21.42 13.39
C LYS A 291 -7.98 21.30 14.66
N VAL A 292 -8.45 20.50 15.65
CA VAL A 292 -7.81 20.26 16.96
C VAL A 292 -6.45 19.58 16.78
N ILE A 293 -5.36 20.35 16.99
CA ILE A 293 -3.97 19.88 16.89
C ILE A 293 -3.30 19.99 18.25
C1 6P6 B . 1.20 -4.44 -10.19
C2 6P6 B . 1.56 -3.10 -10.20
C3 6P6 B . 1.84 -2.46 -11.40
C7 6P6 B . 2.21 1.28 -11.88
C8 6P6 B . 3.57 1.52 -11.62
C9 6P6 B . 4.11 2.78 -11.74
C10 6P6 B . 3.32 3.85 -12.16
C11 6P6 B . 1.98 3.65 -12.42
C12 6P6 B . 1.40 2.37 -12.30
C13 6P6 B . -0.41 0.99 -12.46
C14 6P6 B . 4.02 5.17 -12.27
C15 6P6 B . 3.20 6.41 -12.53
C16 6P6 B . 1.11 -5.14 -11.38
O1 6P6 B . 5.23 5.25 -12.12
N1 6P6 B . 0.07 2.23 -12.60
N2 6P6 B . 0.23 -0.13 -12.09
C6 6P6 B . 1.53 0.00 -11.79
N3 6P6 B . 2.23 -1.10 -11.40
C4 6P6 B . 1.76 -3.17 -12.59
C5 6P6 B . 1.39 -4.50 -12.58
C1 DIO C . -2.88 -8.01 -4.40
C2 DIO C . -3.98 -6.21 -5.42
C1' DIO C . -3.25 -7.48 -3.05
C2' DIO C . -4.31 -5.66 -4.05
O1 DIO C . -3.84 -7.64 -5.38
O1' DIO C . -3.34 -6.06 -3.09
#